data_8RH3
#
_entry.id   8RH3
#
_cell.length_a   136.092
_cell.length_b   136.092
_cell.length_c   87.172
_cell.angle_alpha   90.00
_cell.angle_beta   90.00
_cell.angle_gamma   120.00
#
_symmetry.space_group_name_H-M   'P 63'
#
loop_
_entity.id
_entity.type
_entity.pdbx_description
1 polymer 'Nucleoside 2-deoxyribosyltransferase'
2 non-polymer (2~{R},3~{R})-4,4-bis(fluoranyl)-2-(hydroxymethyl)oxolan-3-ol
3 water water
#
_entity_poly.entity_id   1
_entity_poly.type   'polypeptide(L)'
_entity_poly.pdbx_seq_one_letter_code
;GMKRKIIYLASPYGFSQQQKTLLLPPIVRALEALGIEVWEPFARNNQIDFSQADWAYRVAQADLQDVKNCDGIFAVVNGT
PPDEGVMVELGMAIALNKAIFLFRDDFRRCSDNERYPLNLMLFAGLPEIGWENYYYTSVDEIQSHDKALYKWLTGM
;
_entity_poly.pdbx_strand_id   A,B,C,D
#
loop_
_chem_comp.id
_chem_comp.type
_chem_comp.name
_chem_comp.formula
A1H0F non-polymer (2~{R},3~{R})-4,4-bis(fluoranyl)-2-(hydroxymethyl)oxolan-3-ol 'C5 H8 F2 O3'
#
# COMPACT_ATOMS: atom_id res chain seq x y z
N GLY A 1 -24.77 -34.64 -1.39
CA GLY A 1 -24.42 -33.59 -2.35
C GLY A 1 -23.97 -32.19 -1.92
N MET A 2 -23.69 -31.31 -2.91
CA MET A 2 -23.22 -29.94 -2.66
C MET A 2 -24.30 -29.01 -2.14
N LYS A 3 -23.94 -28.17 -1.16
CA LYS A 3 -24.87 -27.23 -0.52
C LYS A 3 -24.75 -25.83 -1.11
N ARG A 4 -25.82 -25.05 -0.95
CA ARG A 4 -25.90 -23.70 -1.50
C ARG A 4 -25.39 -22.69 -0.48
N LYS A 5 -24.12 -22.88 -0.12
CA LYS A 5 -23.46 -22.06 0.87
C LYS A 5 -23.29 -20.62 0.37
N ILE A 6 -23.27 -19.67 1.31
CA ILE A 6 -23.18 -18.25 1.02
C ILE A 6 -21.72 -17.82 1.10
N ILE A 7 -21.15 -17.33 0.00
CA ILE A 7 -19.81 -16.73 0.00
C ILE A 7 -19.95 -15.21 -0.06
N TYR A 8 -19.33 -14.52 0.91
CA TYR A 8 -19.12 -13.07 0.85
C TYR A 8 -17.84 -12.78 0.05
N LEU A 9 -17.97 -12.08 -1.08
CA LEU A 9 -16.86 -11.86 -2.02
C LEU A 9 -16.23 -10.51 -1.72
N ALA A 10 -15.23 -10.51 -0.84
CA ALA A 10 -14.57 -9.28 -0.45
C ALA A 10 -13.42 -8.97 -1.43
N SER A 11 -13.37 -7.73 -1.91
CA SER A 11 -12.36 -7.35 -2.90
C SER A 11 -12.23 -5.83 -2.93
N PRO A 12 -11.13 -5.31 -3.49
CA PRO A 12 -11.05 -3.87 -3.80
C PRO A 12 -11.60 -3.50 -5.17
N TYR A 13 -12.03 -4.50 -5.95
CA TYR A 13 -12.29 -4.31 -7.37
C TYR A 13 -13.46 -3.34 -7.67
N GLY A 14 -14.35 -3.09 -6.72
CA GLY A 14 -15.44 -2.14 -6.95
C GLY A 14 -15.02 -0.67 -6.87
N PHE A 15 -13.77 -0.40 -6.50
CA PHE A 15 -13.28 0.98 -6.39
C PHE A 15 -12.89 1.56 -7.76
N SER A 16 -12.55 0.71 -8.73
CA SER A 16 -12.08 1.12 -10.05
C SER A 16 -13.13 0.78 -11.08
N GLN A 17 -13.56 1.77 -11.87
CA GLN A 17 -14.61 1.54 -12.85
C GLN A 17 -14.31 0.35 -13.75
N GLN A 18 -13.09 0.27 -14.26
CA GLN A 18 -12.75 -0.80 -15.18
C GLN A 18 -12.65 -2.15 -14.48
N GLN A 19 -12.23 -2.16 -13.22
CA GLN A 19 -12.13 -3.41 -12.47
C GLN A 19 -13.51 -3.91 -12.04
N LYS A 20 -14.39 -3.00 -11.62
CA LYS A 20 -15.75 -3.38 -11.27
C LYS A 20 -16.42 -4.10 -12.42
N THR A 21 -16.10 -3.67 -13.66
CA THR A 21 -16.77 -4.11 -14.87
C THR A 21 -16.16 -5.38 -15.48
N LEU A 22 -14.85 -5.57 -15.40
CA LEU A 22 -14.23 -6.70 -16.08
C LEU A 22 -13.71 -7.76 -15.14
N LEU A 23 -13.35 -7.38 -13.91
CA LEU A 23 -12.66 -8.30 -13.03
C LEU A 23 -13.62 -9.05 -12.10
N LEU A 24 -14.65 -8.38 -11.58
CA LEU A 24 -15.54 -9.05 -10.64
C LEU A 24 -16.47 -10.04 -11.33
N PRO A 25 -17.15 -9.72 -12.43
CA PRO A 25 -18.13 -10.66 -13.00
C PRO A 25 -17.54 -12.04 -13.28
N PRO A 26 -16.33 -12.17 -13.84
CA PRO A 26 -15.77 -13.52 -14.01
C PRO A 26 -15.51 -14.26 -12.70
N ILE A 27 -15.25 -13.53 -11.62
CA ILE A 27 -15.05 -14.18 -10.34
C ILE A 27 -16.39 -14.60 -9.76
N VAL A 28 -17.41 -13.74 -9.90
CA VAL A 28 -18.77 -14.10 -9.50
C VAL A 28 -19.26 -15.32 -10.29
N ARG A 29 -19.05 -15.33 -11.61
CA ARG A 29 -19.44 -16.48 -12.42
C ARG A 29 -18.76 -17.76 -11.94
N ALA A 30 -17.46 -17.69 -11.67
CA ALA A 30 -16.76 -18.89 -11.27
C ALA A 30 -17.34 -19.45 -9.98
N LEU A 31 -17.74 -18.56 -9.07
CA LEU A 31 -18.26 -18.99 -7.78
C LEU A 31 -19.68 -19.50 -7.95
N GLU A 32 -20.43 -18.88 -8.86
CA GLU A 32 -21.82 -19.28 -9.08
C GLU A 32 -21.87 -20.59 -9.85
N ALA A 33 -20.85 -20.86 -10.68
CA ALA A 33 -20.73 -22.14 -11.36
C ALA A 33 -20.58 -23.30 -10.38
N LEU A 34 -20.17 -23.02 -9.16
CA LEU A 34 -20.07 -24.03 -8.12
C LEU A 34 -21.37 -24.16 -7.31
N GLY A 35 -22.40 -23.39 -7.65
CA GLY A 35 -23.66 -23.47 -6.96
C GLY A 35 -23.71 -22.67 -5.69
N ILE A 36 -22.88 -21.62 -5.58
CA ILE A 36 -22.75 -20.80 -4.40
C ILE A 36 -23.67 -19.60 -4.53
N GLU A 37 -24.21 -19.11 -3.41
CA GLU A 37 -24.88 -17.82 -3.41
C GLU A 37 -23.85 -16.74 -3.08
N VAL A 38 -23.58 -15.87 -4.05
CA VAL A 38 -22.52 -14.88 -3.93
C VAL A 38 -23.11 -13.58 -3.40
N TRP A 39 -22.58 -13.09 -2.28
CA TRP A 39 -22.82 -11.71 -1.85
C TRP A 39 -21.59 -10.87 -2.21
N GLU A 40 -21.71 -10.14 -3.33
CA GLU A 40 -20.71 -9.18 -3.76
C GLU A 40 -21.08 -7.79 -3.22
N PRO A 41 -20.32 -7.23 -2.27
CA PRO A 41 -20.83 -6.11 -1.48
C PRO A 41 -20.96 -4.80 -2.24
N PHE A 42 -20.17 -4.58 -3.30
CA PHE A 42 -20.27 -3.32 -4.02
C PHE A 42 -21.64 -3.22 -4.69
N ALA A 43 -22.06 -4.29 -5.38
CA ALA A 43 -23.37 -4.32 -6.02
C ALA A 43 -24.48 -4.52 -5.00
N ARG A 44 -24.28 -5.42 -4.04
CA ARG A 44 -25.36 -5.80 -3.13
C ARG A 44 -25.71 -4.65 -2.19
N ASN A 45 -24.74 -3.83 -1.79
CA ASN A 45 -25.01 -2.75 -0.87
C ASN A 45 -24.83 -1.37 -1.49
N ASN A 46 -24.75 -1.31 -2.82
CA ASN A 46 -24.79 -0.06 -3.58
C ASN A 46 -23.72 0.92 -3.08
N GLN A 47 -22.47 0.57 -3.34
CA GLN A 47 -21.33 1.44 -3.11
C GLN A 47 -20.73 1.71 -4.49
N ILE A 48 -21.23 2.77 -5.11
CA ILE A 48 -21.03 3.07 -6.53
C ILE A 48 -19.92 4.08 -6.75
N ASP A 49 -19.81 5.06 -5.85
CA ASP A 49 -18.82 6.12 -5.92
C ASP A 49 -18.45 6.54 -4.52
N PHE A 50 -17.59 7.57 -4.43
CA PHE A 50 -17.22 8.20 -3.17
C PHE A 50 -18.45 8.48 -2.31
N SER A 51 -18.74 7.60 -1.35
CA SER A 51 -20.00 7.60 -0.63
C SER A 51 -20.26 8.93 0.06
N GLN A 52 -21.53 9.30 0.16
CA GLN A 52 -21.89 10.52 0.89
C GLN A 52 -21.81 10.27 2.39
N ALA A 53 -21.51 11.34 3.12
CA ALA A 53 -21.40 11.23 4.58
C ALA A 53 -22.63 10.57 5.19
N ASP A 54 -23.82 10.96 4.75
CA ASP A 54 -25.07 10.46 5.30
C ASP A 54 -25.45 9.06 4.80
N TRP A 55 -24.58 8.44 3.98
CA TRP A 55 -24.76 7.07 3.49
C TRP A 55 -23.67 6.11 3.97
N ALA A 56 -22.57 6.62 4.54
CA ALA A 56 -21.40 5.78 4.79
C ALA A 56 -21.61 4.81 5.94
N TYR A 57 -22.37 5.21 6.97
CA TYR A 57 -22.59 4.30 8.08
C TYR A 57 -23.42 3.10 7.66
N ARG A 58 -24.39 3.30 6.75
CA ARG A 58 -25.22 2.19 6.32
C ARG A 58 -24.44 1.22 5.44
N VAL A 59 -23.56 1.73 4.59
CA VAL A 59 -22.69 0.83 3.82
C VAL A 59 -21.85 -0.03 4.78
N ALA A 60 -21.21 0.61 5.75
CA ALA A 60 -20.41 -0.09 6.73
C ALA A 60 -21.21 -1.21 7.42
N GLN A 61 -22.36 -0.86 8.00
CA GLN A 61 -23.12 -1.87 8.73
C GLN A 61 -23.66 -2.95 7.80
N ALA A 62 -23.99 -2.58 6.56
CA ALA A 62 -24.46 -3.57 5.59
C ALA A 62 -23.37 -4.56 5.21
N ASP A 63 -22.15 -4.08 4.84
CA ASP A 63 -21.03 -5.01 4.64
C ASP A 63 -20.81 -5.87 5.88
N LEU A 64 -20.82 -5.23 7.05
CA LEU A 64 -20.57 -5.94 8.30
C LEU A 64 -21.63 -7.00 8.55
N GLN A 65 -22.91 -6.63 8.36
CA GLN A 65 -23.98 -7.60 8.57
C GLN A 65 -23.84 -8.78 7.63
N ASP A 66 -23.47 -8.52 6.36
CA ASP A 66 -23.28 -9.62 5.41
C ASP A 66 -22.17 -10.56 5.82
N VAL A 67 -21.08 -10.02 6.37
CA VAL A 67 -20.01 -10.88 6.86
C VAL A 67 -20.49 -11.67 8.08
N LYS A 68 -21.33 -11.07 8.91
CA LYS A 68 -21.88 -11.86 10.03
C LYS A 68 -22.71 -13.03 9.53
N ASN A 69 -23.50 -12.82 8.48
CA ASN A 69 -24.51 -13.79 8.08
C ASN A 69 -24.04 -14.76 7.00
N CYS A 70 -22.88 -14.56 6.40
CA CYS A 70 -22.43 -15.47 5.36
C CYS A 70 -21.98 -16.79 5.97
N ASP A 71 -21.76 -17.79 5.11
CA ASP A 71 -21.10 -19.02 5.56
C ASP A 71 -19.58 -18.96 5.40
N GLY A 72 -19.08 -18.21 4.42
CA GLY A 72 -17.64 -18.11 4.21
C GLY A 72 -17.30 -16.81 3.52
N ILE A 73 -16.02 -16.42 3.65
CA ILE A 73 -15.48 -15.28 2.92
C ILE A 73 -14.57 -15.78 1.80
N PHE A 74 -14.74 -15.21 0.60
CA PHE A 74 -13.77 -15.34 -0.47
C PHE A 74 -13.13 -13.96 -0.59
N ALA A 75 -11.85 -13.86 -0.20
CA ALA A 75 -11.17 -12.57 -0.06
C ALA A 75 -10.15 -12.43 -1.19
N VAL A 76 -10.40 -11.46 -2.06
CA VAL A 76 -9.46 -11.10 -3.09
C VAL A 76 -8.36 -10.30 -2.40
N VAL A 77 -7.18 -10.89 -2.27
CA VAL A 77 -6.14 -10.23 -1.48
C VAL A 77 -4.98 -9.84 -2.38
N ASN A 78 -5.30 -9.41 -3.60
CA ASN A 78 -4.36 -8.80 -4.53
C ASN A 78 -3.92 -7.44 -3.99
N GLY A 79 -2.81 -6.93 -4.52
CA GLY A 79 -2.30 -5.62 -4.18
C GLY A 79 -1.18 -5.70 -3.16
N THR A 80 -0.48 -4.59 -2.98
CA THR A 80 0.64 -4.49 -2.04
C THR A 80 0.48 -3.23 -1.22
N PRO A 81 -0.18 -3.31 -0.06
CA PRO A 81 -0.68 -4.50 0.60
C PRO A 81 -2.10 -4.84 0.15
N PRO A 82 -2.66 -5.98 0.62
CA PRO A 82 -4.10 -6.21 0.45
C PRO A 82 -4.93 -5.06 0.98
N ASP A 83 -6.11 -4.90 0.39
CA ASP A 83 -7.01 -3.81 0.73
C ASP A 83 -7.40 -3.84 2.21
N GLU A 84 -7.41 -2.66 2.84
CA GLU A 84 -7.65 -2.59 4.28
C GLU A 84 -9.10 -2.96 4.64
N GLY A 85 -10.05 -2.67 3.75
CA GLY A 85 -11.44 -3.04 4.02
C GLY A 85 -11.66 -4.54 3.92
N VAL A 86 -11.09 -5.16 2.88
CA VAL A 86 -11.07 -6.61 2.79
C VAL A 86 -10.45 -7.23 4.03
N MET A 87 -9.39 -6.62 4.57
CA MET A 87 -8.68 -7.24 5.68
C MET A 87 -9.49 -7.15 6.96
N VAL A 88 -10.19 -6.03 7.16
CA VAL A 88 -11.07 -5.93 8.33
C VAL A 88 -12.14 -7.01 8.27
N GLU A 89 -12.80 -7.13 7.11
CA GLU A 89 -13.75 -8.20 6.83
C GLU A 89 -13.15 -9.58 7.04
N LEU A 90 -11.93 -9.83 6.56
CA LEU A 90 -11.33 -11.14 6.81
C LEU A 90 -11.06 -11.36 8.30
N GLY A 91 -10.68 -10.29 9.02
CA GLY A 91 -10.59 -10.38 10.47
C GLY A 91 -11.90 -10.77 11.14
N MET A 92 -13.01 -10.10 10.78
CA MET A 92 -14.31 -10.51 11.31
C MET A 92 -14.62 -11.96 10.96
N ALA A 93 -14.31 -12.37 9.73
CA ALA A 93 -14.58 -13.74 9.34
C ALA A 93 -13.80 -14.72 10.20
N ILE A 94 -12.52 -14.45 10.42
CA ILE A 94 -11.73 -15.35 11.27
C ILE A 94 -12.35 -15.45 12.65
N ALA A 95 -12.76 -14.31 13.23
CA ALA A 95 -13.23 -14.28 14.60
C ALA A 95 -14.63 -14.88 14.73
N LEU A 96 -15.42 -14.82 13.67
CA LEU A 96 -16.74 -15.44 13.68
C LEU A 96 -16.69 -16.90 13.28
N ASN A 97 -15.49 -17.46 13.15
CA ASN A 97 -15.32 -18.85 12.73
C ASN A 97 -15.95 -19.13 11.35
N LYS A 98 -15.96 -18.14 10.45
CA LYS A 98 -16.45 -18.40 9.10
C LYS A 98 -15.43 -19.22 8.33
N ALA A 99 -15.88 -19.83 7.23
CA ALA A 99 -14.95 -20.44 6.30
C ALA A 99 -14.09 -19.36 5.66
N ILE A 100 -12.83 -19.68 5.37
CA ILE A 100 -11.88 -18.71 4.82
C ILE A 100 -11.30 -19.25 3.52
N PHE A 101 -11.38 -18.46 2.44
CA PHE A 101 -10.75 -18.77 1.17
C PHE A 101 -10.07 -17.51 0.66
N LEU A 102 -8.82 -17.62 0.20
CA LEU A 102 -8.02 -16.47 -0.21
C LEU A 102 -7.73 -16.50 -1.72
N PHE A 103 -7.96 -15.37 -2.40
CA PHE A 103 -7.66 -15.26 -3.81
C PHE A 103 -6.57 -14.22 -4.05
N ARG A 104 -5.48 -14.64 -4.71
CA ARG A 104 -4.42 -13.71 -5.11
C ARG A 104 -3.77 -14.24 -6.38
N ASP A 105 -3.99 -13.59 -7.52
CA ASP A 105 -3.28 -13.92 -8.75
C ASP A 105 -2.21 -12.88 -9.08
N ASP A 106 -1.80 -12.12 -8.06
CA ASP A 106 -0.75 -11.10 -8.11
C ASP A 106 0.57 -11.78 -7.76
N PHE A 107 1.55 -11.71 -8.66
CA PHE A 107 2.74 -12.50 -8.45
C PHE A 107 3.78 -11.82 -7.54
N ARG A 108 3.54 -10.58 -7.15
CA ARG A 108 4.41 -9.90 -6.18
C ARG A 108 4.18 -10.48 -4.80
N ARG A 109 5.22 -10.41 -3.94
CA ARG A 109 5.12 -10.78 -2.54
C ARG A 109 5.23 -9.55 -1.65
N CYS A 110 4.33 -9.42 -0.68
CA CYS A 110 4.37 -8.37 0.33
C CYS A 110 4.14 -9.11 1.66
N SER A 111 5.23 -9.40 2.38
CA SER A 111 5.19 -10.38 3.45
C SER A 111 6.17 -9.99 4.55
N ASP A 112 5.93 -10.53 5.75
CA ASP A 112 6.80 -10.35 6.91
C ASP A 112 7.39 -11.69 7.40
N ASN A 113 7.36 -12.73 6.55
CA ASN A 113 7.76 -14.06 6.97
C ASN A 113 8.06 -14.88 5.72
N GLU A 114 8.80 -15.99 5.91
CA GLU A 114 9.16 -16.84 4.77
C GLU A 114 8.10 -17.85 4.39
N ARG A 115 7.18 -18.20 5.30
CA ARG A 115 6.23 -19.28 5.03
C ARG A 115 5.14 -18.85 4.06
N TYR A 116 4.59 -17.64 4.23
CA TYR A 116 3.44 -17.16 3.50
C TYR A 116 3.84 -16.05 2.55
N PRO A 117 3.15 -15.90 1.41
CA PRO A 117 3.44 -14.78 0.52
C PRO A 117 2.89 -13.44 0.98
N LEU A 118 2.18 -13.39 2.10
CA LEU A 118 1.62 -12.15 2.61
C LEU A 118 1.79 -12.14 4.13
N ASN A 119 1.43 -11.01 4.75
CA ASN A 119 1.41 -10.90 6.21
C ASN A 119 0.81 -12.15 6.84
N LEU A 120 1.52 -12.70 7.82
CA LEU A 120 1.18 -14.02 8.35
C LEU A 120 -0.21 -14.04 9.01
N MET A 121 -0.72 -12.89 9.51
CA MET A 121 -2.09 -12.88 10.05
C MET A 121 -3.19 -13.15 9.02
N LEU A 122 -2.98 -12.91 7.73
CA LEU A 122 -4.06 -13.26 6.81
C LEU A 122 -4.38 -14.75 6.84
N PHE A 123 -3.46 -15.58 7.37
CA PHE A 123 -3.54 -17.02 7.41
C PHE A 123 -3.81 -17.57 8.80
N ALA A 124 -4.08 -16.68 9.76
CA ALA A 124 -4.26 -17.08 11.14
C ALA A 124 -5.50 -17.96 11.35
N GLY A 125 -6.52 -17.78 10.50
CA GLY A 125 -7.71 -18.62 10.58
C GLY A 125 -7.67 -19.85 9.70
N LEU A 126 -6.56 -20.08 9.03
CA LEU A 126 -6.29 -21.21 8.17
C LEU A 126 -5.45 -22.22 8.92
N PRO A 127 -5.55 -23.49 8.57
CA PRO A 127 -4.73 -24.51 9.25
C PRO A 127 -3.23 -24.32 8.99
N GLU A 128 -2.44 -24.77 9.98
CA GLU A 128 -1.00 -24.68 9.89
C GLU A 128 -0.47 -25.42 8.67
N ILE A 129 -0.93 -26.66 8.46
CA ILE A 129 -0.53 -27.50 7.35
C ILE A 129 -1.70 -27.56 6.38
N GLY A 130 -1.43 -27.36 5.08
CA GLY A 130 -2.48 -27.44 4.08
C GLY A 130 -3.20 -26.14 3.77
N TRP A 131 -2.65 -24.99 4.18
CA TRP A 131 -3.32 -23.74 3.91
C TRP A 131 -3.33 -23.43 2.42
N GLU A 132 -2.41 -24.02 1.66
CA GLU A 132 -2.37 -23.78 0.22
C GLU A 132 -3.67 -24.21 -0.47
N ASN A 133 -4.39 -25.16 0.12
CA ASN A 133 -5.64 -25.64 -0.49
C ASN A 133 -6.75 -24.61 -0.38
N TYR A 134 -6.62 -23.64 0.53
CA TYR A 134 -7.59 -22.55 0.69
C TYR A 134 -7.15 -21.30 -0.06
N TYR A 135 -6.02 -21.37 -0.76
CA TYR A 135 -5.34 -20.23 -1.38
C TYR A 135 -5.38 -20.39 -2.88
N TYR A 136 -6.09 -19.50 -3.57
CA TYR A 136 -6.30 -19.59 -5.01
C TYR A 136 -5.47 -18.56 -5.76
N THR A 137 -4.78 -19.00 -6.81
CA THR A 137 -3.89 -18.12 -7.56
C THR A 137 -4.33 -17.89 -9.01
N SER A 138 -5.52 -18.34 -9.39
CA SER A 138 -6.02 -18.06 -10.73
C SER A 138 -7.52 -18.24 -10.71
N VAL A 139 -8.21 -17.50 -11.58
CA VAL A 139 -9.66 -17.63 -11.62
C VAL A 139 -10.04 -19.04 -12.00
N ASP A 140 -9.25 -19.65 -12.91
CA ASP A 140 -9.52 -21.02 -13.35
C ASP A 140 -9.51 -21.99 -12.18
N GLU A 141 -8.62 -21.77 -11.21
CA GLU A 141 -8.42 -22.70 -10.11
C GLU A 141 -9.64 -22.80 -9.19
N ILE A 142 -10.56 -21.83 -9.23
CA ILE A 142 -11.64 -21.77 -8.23
C ILE A 142 -12.55 -23.00 -8.26
N GLN A 143 -12.75 -23.60 -9.42
N GLN A 143 -12.77 -23.58 -9.44
CA GLN A 143 -13.72 -24.67 -9.51
CA GLN A 143 -13.72 -24.69 -9.58
C GLN A 143 -13.11 -26.06 -9.30
C GLN A 143 -13.11 -26.06 -9.27
N SER A 144 -11.78 -26.14 -9.07
CA SER A 144 -11.11 -27.40 -8.83
C SER A 144 -11.71 -28.17 -7.65
N HIS A 145 -11.95 -29.48 -7.83
CA HIS A 145 -12.50 -30.28 -6.74
C HIS A 145 -11.41 -30.77 -5.80
N ASP A 146 -10.14 -30.61 -6.15
CA ASP A 146 -9.07 -30.95 -5.24
C ASP A 146 -8.70 -29.79 -4.32
N LYS A 147 -9.49 -28.70 -4.32
CA LYS A 147 -9.23 -27.54 -3.50
C LYS A 147 -10.34 -27.39 -2.46
N ALA A 148 -10.07 -26.53 -1.48
CA ALA A 148 -10.87 -26.54 -0.26
C ALA A 148 -12.27 -25.97 -0.48
N LEU A 149 -12.48 -25.07 -1.45
CA LEU A 149 -13.81 -24.50 -1.63
C LEU A 149 -14.80 -25.54 -2.14
N TYR A 150 -14.47 -26.26 -3.21
CA TYR A 150 -15.26 -27.39 -3.66
C TYR A 150 -15.62 -28.30 -2.50
N LYS A 151 -14.61 -28.81 -1.80
CA LYS A 151 -14.84 -29.77 -0.73
C LYS A 151 -15.71 -29.20 0.38
N TRP A 152 -15.53 -27.92 0.71
CA TRP A 152 -16.34 -27.29 1.74
C TRP A 152 -17.82 -27.37 1.37
N LEU A 153 -18.12 -27.32 0.08
CA LEU A 153 -19.50 -27.31 -0.39
C LEU A 153 -20.12 -28.69 -0.28
N THR A 154 -19.37 -29.72 -0.66
CA THR A 154 -19.82 -31.10 -0.61
C THR A 154 -19.89 -31.60 0.83
N GLY A 155 -18.73 -31.85 1.43
CA GLY A 155 -18.65 -32.18 2.83
C GLY A 155 -19.47 -31.26 3.73
N MET A 156 -20.70 -31.68 4.03
CA MET A 156 -21.62 -31.02 4.96
C MET A 156 -21.50 -29.50 5.01
N LYS B 3 -7.71 -6.16 38.85
CA LYS B 3 -7.12 -6.44 37.54
C LYS B 3 -7.18 -5.28 36.55
N ARG B 4 -6.00 -4.90 36.03
CA ARG B 4 -5.93 -3.80 35.08
C ARG B 4 -6.60 -4.16 33.76
N LYS B 5 -7.18 -3.14 33.12
CA LYS B 5 -7.68 -3.28 31.75
C LYS B 5 -6.53 -3.50 30.77
N ILE B 6 -6.77 -4.39 29.81
CA ILE B 6 -5.72 -4.83 28.91
C ILE B 6 -6.01 -4.22 27.54
N ILE B 7 -5.01 -3.50 27.00
CA ILE B 7 -5.08 -2.93 25.65
C ILE B 7 -4.06 -3.61 24.75
N TYR B 8 -4.52 -4.11 23.63
CA TYR B 8 -3.65 -4.68 22.63
C TYR B 8 -3.23 -3.56 21.68
N LEU B 9 -1.94 -3.25 21.66
CA LEU B 9 -1.40 -2.12 20.87
C LEU B 9 -1.00 -2.65 19.49
N ALA B 10 -1.91 -2.52 18.54
CA ALA B 10 -1.69 -3.05 17.19
C ALA B 10 -1.07 -1.96 16.33
N SER B 11 0.05 -2.24 15.67
CA SER B 11 0.73 -1.23 14.88
C SER B 11 1.63 -1.91 13.86
N PRO B 12 2.08 -1.16 12.85
CA PRO B 12 3.19 -1.61 12.00
C PRO B 12 4.57 -1.15 12.46
N TYR B 13 4.66 -0.51 13.63
CA TYR B 13 5.88 0.17 14.03
C TYR B 13 6.98 -0.83 14.38
N GLY B 14 6.60 -2.05 14.79
CA GLY B 14 7.60 -3.08 15.05
C GLY B 14 8.40 -3.55 13.83
N PHE B 15 7.95 -3.22 12.62
CA PHE B 15 8.66 -3.68 11.41
C PHE B 15 9.90 -2.85 11.11
N SER B 16 9.93 -1.59 11.55
CA SER B 16 11.06 -0.69 11.33
C SER B 16 11.89 -0.57 12.60
N GLN B 17 13.21 -0.75 12.47
CA GLN B 17 14.07 -0.71 13.65
C GLN B 17 13.90 0.60 14.42
N GLN B 18 13.96 1.74 13.69
CA GLN B 18 13.85 3.04 14.33
C GLN B 18 12.43 3.30 14.87
N GLN B 19 11.40 2.90 14.12
CA GLN B 19 10.04 3.09 14.59
C GLN B 19 9.78 2.27 15.85
N LYS B 20 10.20 1.00 15.85
CA LYS B 20 10.10 0.15 17.03
C LYS B 20 10.67 0.84 18.26
N THR B 21 11.88 1.40 18.11
CA THR B 21 12.70 1.89 19.22
C THR B 21 12.18 3.23 19.74
N LEU B 22 11.72 4.09 18.84
CA LEU B 22 11.38 5.46 19.20
C LEU B 22 9.90 5.75 19.18
N LEU B 23 9.10 5.05 18.38
CA LEU B 23 7.69 5.44 18.29
C LEU B 23 6.82 4.67 19.26
N LEU B 24 7.11 3.40 19.50
CA LEU B 24 6.23 2.61 20.36
C LEU B 24 6.34 2.99 21.82
N PRO B 25 7.54 3.07 22.43
CA PRO B 25 7.62 3.35 23.87
C PRO B 25 6.83 4.58 24.31
N PRO B 26 6.87 5.70 23.57
CA PRO B 26 6.03 6.83 24.01
C PRO B 26 4.53 6.52 24.00
N ILE B 27 4.05 5.74 23.04
CA ILE B 27 2.64 5.38 23.03
C ILE B 27 2.34 4.43 24.17
N VAL B 28 3.18 3.40 24.35
CA VAL B 28 3.06 2.50 25.50
C VAL B 28 2.93 3.29 26.79
N ARG B 29 3.76 4.34 26.96
CA ARG B 29 3.76 5.10 28.21
C ARG B 29 2.47 5.92 28.34
N ALA B 30 1.98 6.47 27.25
CA ALA B 30 0.74 7.22 27.33
C ALA B 30 -0.40 6.33 27.76
N LEU B 31 -0.38 5.07 27.35
CA LEU B 31 -1.45 4.16 27.74
C LEU B 31 -1.28 3.70 29.17
N GLU B 32 -0.04 3.45 29.60
CA GLU B 32 0.20 2.99 30.95
C GLU B 32 -0.07 4.09 31.97
N ALA B 33 0.18 5.35 31.60
CA ALA B 33 -0.15 6.48 32.47
C ALA B 33 -1.63 6.51 32.87
N LEU B 34 -2.50 5.86 32.11
CA LEU B 34 -3.91 5.73 32.47
C LEU B 34 -4.18 4.48 33.29
N GLY B 35 -3.14 3.76 33.69
CA GLY B 35 -3.32 2.52 34.44
C GLY B 35 -3.59 1.30 33.59
N ILE B 36 -3.39 1.39 32.26
CA ILE B 36 -3.66 0.30 31.33
C ILE B 36 -2.49 -0.69 31.34
N GLU B 37 -2.79 -1.99 31.23
CA GLU B 37 -1.78 -2.98 30.93
C GLU B 37 -1.70 -3.15 29.41
N VAL B 38 -0.53 -2.83 28.85
CA VAL B 38 -0.37 -2.75 27.39
C VAL B 38 0.26 -4.04 26.89
N TRP B 39 -0.42 -4.73 25.95
CA TRP B 39 0.13 -5.86 25.22
C TRP B 39 0.61 -5.37 23.86
N GLU B 40 1.92 -5.26 23.71
CA GLU B 40 2.53 -4.77 22.47
C GLU B 40 3.05 -6.00 21.74
N PRO B 41 2.43 -6.42 20.63
CA PRO B 41 2.67 -7.79 20.15
C PRO B 41 4.08 -8.07 19.62
N PHE B 42 4.80 -7.10 19.04
CA PHE B 42 6.15 -7.42 18.53
C PHE B 42 7.06 -7.85 19.66
N ALA B 43 7.03 -7.12 20.78
CA ALA B 43 7.84 -7.52 21.93
C ALA B 43 7.26 -8.73 22.64
N ARG B 44 5.93 -8.78 22.83
CA ARG B 44 5.35 -9.91 23.56
C ARG B 44 5.63 -11.22 22.87
N ASN B 45 5.30 -11.29 21.58
CA ASN B 45 5.34 -12.56 20.86
C ASN B 45 6.57 -12.65 19.98
N ASN B 46 7.54 -11.75 20.20
CA ASN B 46 8.91 -11.88 19.69
C ASN B 46 8.94 -11.98 18.16
N GLN B 47 8.30 -11.02 17.51
CA GLN B 47 8.48 -10.84 16.08
C GLN B 47 9.47 -9.68 15.89
N ILE B 48 10.78 -10.00 15.85
CA ILE B 48 11.83 -8.98 15.77
C ILE B 48 12.55 -8.94 14.43
N ASP B 49 12.36 -9.93 13.57
CA ASP B 49 12.81 -9.84 12.17
C ASP B 49 11.87 -10.66 11.29
N PHE B 50 12.20 -10.69 10.00
CA PHE B 50 11.53 -11.56 9.04
C PHE B 50 11.41 -12.96 9.62
N SER B 51 10.18 -13.41 9.83
CA SER B 51 9.95 -14.63 10.58
C SER B 51 10.41 -15.85 9.80
N GLN B 52 11.18 -16.70 10.47
CA GLN B 52 11.46 -18.03 9.93
C GLN B 52 10.16 -18.77 9.66
N ALA B 53 10.17 -19.57 8.61
CA ALA B 53 9.00 -20.35 8.21
C ALA B 53 8.46 -21.20 9.37
N ASP B 54 9.34 -21.88 10.09
CA ASP B 54 8.90 -22.76 11.17
C ASP B 54 8.30 -21.99 12.35
N TRP B 55 8.27 -20.65 12.27
CA TRP B 55 7.76 -19.82 13.35
C TRP B 55 6.54 -18.99 12.97
N ALA B 56 6.27 -18.82 11.69
CA ALA B 56 5.25 -17.86 11.26
C ALA B 56 3.88 -18.21 11.82
N TYR B 57 3.52 -19.51 11.83
CA TYR B 57 2.20 -19.89 12.34
C TYR B 57 2.10 -19.59 13.84
N ARG B 58 3.14 -19.91 14.59
CA ARG B 58 3.09 -19.67 16.03
C ARG B 58 3.00 -18.19 16.35
N VAL B 59 3.64 -17.33 15.56
CA VAL B 59 3.47 -15.91 15.78
C VAL B 59 2.02 -15.51 15.53
N ALA B 60 1.41 -16.06 14.48
CA ALA B 60 0.06 -15.68 14.14
C ALA B 60 -0.94 -16.11 15.21
N GLN B 61 -0.75 -17.29 15.79
CA GLN B 61 -1.70 -17.75 16.79
C GLN B 61 -1.53 -16.99 18.10
N ALA B 62 -0.30 -16.58 18.40
CA ALA B 62 -0.06 -15.81 19.61
C ALA B 62 -0.71 -14.43 19.52
N ASP B 63 -0.49 -13.70 18.41
CA ASP B 63 -1.15 -12.41 18.27
C ASP B 63 -2.66 -12.57 18.21
N LEU B 64 -3.14 -13.63 17.54
CA LEU B 64 -4.57 -13.90 17.48
C LEU B 64 -5.12 -14.18 18.88
N GLN B 65 -4.47 -15.04 19.65
CA GLN B 65 -4.89 -15.25 21.04
C GLN B 65 -4.90 -13.94 21.82
N ASP B 66 -3.83 -13.14 21.70
CA ASP B 66 -3.78 -11.92 22.47
C ASP B 66 -4.97 -11.03 22.18
N VAL B 67 -5.34 -10.91 20.91
CA VAL B 67 -6.53 -10.13 20.56
C VAL B 67 -7.79 -10.74 21.20
N LYS B 68 -7.88 -12.07 21.27
CA LYS B 68 -9.04 -12.67 21.93
C LYS B 68 -9.09 -12.29 23.40
N ASN B 69 -7.94 -12.28 24.06
CA ASN B 69 -7.88 -12.14 25.52
C ASN B 69 -7.71 -10.71 26.00
N CYS B 70 -7.63 -9.73 25.10
CA CYS B 70 -7.55 -8.35 25.56
C CYS B 70 -8.93 -7.84 25.94
N ASP B 71 -8.97 -6.67 26.59
CA ASP B 71 -10.21 -5.94 26.78
C ASP B 71 -10.49 -4.92 25.68
N GLY B 72 -9.47 -4.32 25.08
CA GLY B 72 -9.67 -3.45 23.92
C GLY B 72 -8.45 -3.43 23.04
N ILE B 73 -8.62 -2.95 21.82
CA ILE B 73 -7.51 -2.78 20.89
C ILE B 73 -7.22 -1.29 20.73
N PHE B 74 -5.93 -0.92 20.76
CA PHE B 74 -5.46 0.39 20.32
C PHE B 74 -4.72 0.20 18.99
N ALA B 75 -5.36 0.61 17.90
CA ALA B 75 -4.93 0.30 16.55
C ALA B 75 -4.23 1.52 15.94
N VAL B 76 -2.91 1.43 15.74
CA VAL B 76 -2.18 2.46 14.99
C VAL B 76 -2.54 2.28 13.52
N VAL B 77 -3.27 3.24 12.95
CA VAL B 77 -3.70 3.09 11.56
C VAL B 77 -3.07 4.19 10.69
N ASN B 78 -1.86 4.62 11.05
CA ASN B 78 -1.01 5.38 10.12
C ASN B 78 -0.72 4.56 8.88
N GLY B 79 -0.35 5.25 7.81
CA GLY B 79 0.08 4.62 6.58
C GLY B 79 -0.95 4.78 5.48
N THR B 80 -0.48 4.66 4.24
CA THR B 80 -1.38 4.61 3.09
C THR B 80 -1.07 3.31 2.37
N PRO B 81 -1.91 2.30 2.52
CA PRO B 81 -3.10 2.28 3.37
C PRO B 81 -2.71 1.78 4.77
N PRO B 82 -3.64 1.75 5.72
CA PRO B 82 -3.36 1.11 7.02
C PRO B 82 -2.77 -0.28 6.85
N ASP B 83 -1.97 -0.69 7.86
CA ASP B 83 -1.35 -2.00 7.84
C ASP B 83 -2.36 -3.13 7.77
N GLU B 84 -2.05 -4.15 6.94
CA GLU B 84 -3.01 -5.22 6.73
C GLU B 84 -3.10 -6.11 7.96
N GLY B 85 -1.97 -6.37 8.62
CA GLY B 85 -2.01 -7.14 9.86
C GLY B 85 -2.79 -6.42 10.93
N VAL B 86 -2.56 -5.11 11.08
CA VAL B 86 -3.37 -4.33 11.99
C VAL B 86 -4.84 -4.49 11.63
N MET B 87 -5.17 -4.55 10.33
CA MET B 87 -6.59 -4.53 10.05
C MET B 87 -7.24 -5.87 10.28
N VAL B 88 -6.53 -6.97 10.00
CA VAL B 88 -7.05 -8.28 10.38
C VAL B 88 -7.33 -8.29 11.87
N GLU B 89 -6.36 -7.84 12.67
CA GLU B 89 -6.53 -7.77 14.11
C GLU B 89 -7.68 -6.86 14.51
N LEU B 90 -7.82 -5.71 13.85
CA LEU B 90 -8.95 -4.84 14.18
C LEU B 90 -10.29 -5.52 13.88
N GLY B 91 -10.40 -6.23 12.75
CA GLY B 91 -11.66 -6.90 12.44
C GLY B 91 -12.02 -7.96 13.47
N MET B 92 -11.08 -8.85 13.76
CA MET B 92 -11.22 -9.73 14.92
C MET B 92 -11.72 -8.98 16.15
N ALA B 93 -11.13 -7.83 16.46
CA ALA B 93 -11.54 -7.09 17.65
C ALA B 93 -13.01 -6.66 17.53
N ILE B 94 -13.41 -6.19 16.36
CA ILE B 94 -14.80 -5.80 16.13
C ILE B 94 -15.73 -6.99 16.35
N ALA B 95 -15.49 -8.08 15.62
CA ALA B 95 -16.34 -9.28 15.74
C ALA B 95 -16.47 -9.76 17.17
N LEU B 96 -15.44 -9.57 17.99
CA LEU B 96 -15.40 -10.09 19.37
C LEU B 96 -15.90 -9.09 20.40
N ASN B 97 -16.46 -7.96 19.95
CA ASN B 97 -16.97 -6.89 20.82
C ASN B 97 -15.92 -6.41 21.82
N LYS B 98 -14.67 -6.33 21.40
CA LYS B 98 -13.71 -5.62 22.22
C LYS B 98 -13.98 -4.13 22.13
N ALA B 99 -13.48 -3.38 23.09
CA ALA B 99 -13.44 -1.94 22.90
C ALA B 99 -12.47 -1.60 21.75
N ILE B 100 -12.80 -0.60 20.95
CA ILE B 100 -12.07 -0.23 19.73
C ILE B 100 -11.60 1.22 19.88
N PHE B 101 -10.28 1.44 19.74
CA PHE B 101 -9.75 2.81 19.68
C PHE B 101 -8.73 2.88 18.55
N LEU B 102 -8.78 3.95 17.76
CA LEU B 102 -7.96 4.11 16.56
C LEU B 102 -7.02 5.31 16.71
N PHE B 103 -5.76 5.13 16.29
CA PHE B 103 -4.77 6.19 16.34
C PHE B 103 -4.25 6.47 14.94
N ARG B 104 -4.23 7.75 14.56
CA ARG B 104 -3.64 8.17 13.28
C ARG B 104 -3.20 9.62 13.40
N ASP B 105 -1.87 9.88 13.46
CA ASP B 105 -1.37 11.26 13.46
C ASP B 105 -0.78 11.66 12.13
N ASP B 106 -1.15 10.93 11.09
CA ASP B 106 -0.74 11.16 9.71
C ASP B 106 -1.80 12.08 9.11
N PHE B 107 -1.40 13.23 8.55
CA PHE B 107 -2.43 14.17 8.14
C PHE B 107 -3.01 13.86 6.77
N ARG B 108 -2.48 12.87 6.08
CA ARG B 108 -3.03 12.55 4.77
C ARG B 108 -4.40 11.93 4.94
N ARG B 109 -5.32 12.27 4.04
CA ARG B 109 -6.64 11.68 4.09
C ARG B 109 -6.73 10.66 2.96
N CYS B 110 -7.18 9.44 3.28
CA CYS B 110 -7.14 8.29 2.38
C CYS B 110 -8.37 7.44 2.56
N SER B 111 -9.43 7.76 1.81
CA SER B 111 -10.75 7.27 2.14
C SER B 111 -11.52 6.89 0.87
N ASP B 112 -12.64 6.19 1.09
CA ASP B 112 -13.62 5.85 0.05
C ASP B 112 -14.96 6.53 0.31
N ASN B 113 -15.04 7.49 1.23
CA ASN B 113 -16.28 8.14 1.64
C ASN B 113 -15.91 9.49 2.22
N GLU B 114 -16.85 10.44 2.19
CA GLU B 114 -16.59 11.77 2.71
C GLU B 114 -16.86 11.91 4.21
N ARG B 115 -17.36 10.88 4.87
CA ARG B 115 -17.59 10.99 6.31
C ARG B 115 -16.31 10.73 7.10
N TYR B 116 -15.63 9.61 6.84
CA TYR B 116 -14.52 9.10 7.61
C TYR B 116 -13.20 9.38 6.90
N PRO B 117 -12.11 9.61 7.65
CA PRO B 117 -10.82 9.87 7.00
C PRO B 117 -10.16 8.64 6.38
N LEU B 118 -10.70 7.45 6.62
CA LEU B 118 -10.15 6.21 6.08
C LEU B 118 -11.31 5.36 5.58
N ASN B 119 -10.96 4.30 4.83
CA ASN B 119 -11.91 3.24 4.50
C ASN B 119 -12.95 3.04 5.60
N LEU B 120 -14.23 3.08 5.24
CA LEU B 120 -15.28 3.20 6.26
C LEU B 120 -15.40 1.94 7.10
N MET B 121 -14.96 0.80 6.58
CA MET B 121 -15.03 -0.45 7.33
C MET B 121 -14.27 -0.36 8.66
N LEU B 122 -13.16 0.40 8.69
CA LEU B 122 -12.38 0.59 9.90
C LEU B 122 -13.21 1.17 11.04
N PHE B 123 -14.30 1.87 10.73
CA PHE B 123 -15.14 2.48 11.74
C PHE B 123 -16.43 1.70 11.99
N ALA B 124 -16.60 0.55 11.33
CA ALA B 124 -17.82 -0.22 11.41
C ALA B 124 -18.14 -0.70 12.82
N GLY B 125 -17.15 -0.81 13.69
CA GLY B 125 -17.40 -1.14 15.08
C GLY B 125 -17.54 0.08 15.98
N LEU B 126 -17.55 1.29 15.43
CA LEU B 126 -17.68 2.52 16.18
C LEU B 126 -19.09 3.05 16.06
N PRO B 127 -19.54 3.85 17.02
CA PRO B 127 -20.94 4.31 16.99
C PRO B 127 -21.17 5.19 15.77
N GLU B 128 -22.43 5.32 15.38
CA GLU B 128 -22.74 6.17 14.24
C GLU B 128 -22.33 7.62 14.53
N ILE B 129 -22.79 8.15 15.65
CA ILE B 129 -22.48 9.52 16.08
C ILE B 129 -21.45 9.43 17.21
N GLY B 130 -20.47 10.33 17.19
CA GLY B 130 -19.45 10.34 18.22
C GLY B 130 -18.27 9.40 18.00
N TRP B 131 -18.07 8.92 16.77
CA TRP B 131 -16.92 8.03 16.52
C TRP B 131 -15.60 8.77 16.69
N GLU B 132 -15.59 10.08 16.46
CA GLU B 132 -14.37 10.88 16.65
C GLU B 132 -13.82 10.77 18.08
N ASN B 133 -14.66 10.44 19.06
CA ASN B 133 -14.14 10.22 20.40
C ASN B 133 -13.26 8.99 20.50
N TYR B 134 -13.34 8.09 19.54
CA TYR B 134 -12.52 6.89 19.52
C TYR B 134 -11.33 7.04 18.57
N TYR B 135 -11.19 8.21 17.95
CA TYR B 135 -10.22 8.49 16.89
C TYR B 135 -9.22 9.51 17.42
N TYR B 136 -8.03 9.05 17.78
CA TYR B 136 -6.98 9.91 18.34
C TYR B 136 -6.02 10.33 17.24
N THR B 137 -5.62 11.62 17.26
CA THR B 137 -4.81 12.18 16.17
C THR B 137 -3.46 12.68 16.66
N SER B 138 -3.10 12.43 17.91
CA SER B 138 -1.81 12.83 18.45
C SER B 138 -1.56 11.99 19.69
N VAL B 139 -0.29 11.73 19.97
CA VAL B 139 0.04 10.96 21.16
C VAL B 139 -0.43 11.72 22.39
N ASP B 140 -0.25 13.06 22.37
CA ASP B 140 -0.71 13.91 23.47
C ASP B 140 -2.20 13.74 23.77
N GLU B 141 -3.03 13.60 22.74
CA GLU B 141 -4.47 13.52 22.91
C GLU B 141 -4.91 12.26 23.65
N ILE B 142 -4.04 11.27 23.82
CA ILE B 142 -4.43 9.97 24.36
C ILE B 142 -4.96 10.10 25.78
N GLN B 143 -4.39 11.00 26.56
CA GLN B 143 -4.75 11.15 27.96
C GLN B 143 -5.89 12.12 28.18
N SER B 144 -6.50 12.58 27.08
CA SER B 144 -7.62 13.50 27.19
C SER B 144 -8.65 12.87 28.13
N HIS B 145 -8.70 13.37 29.38
CA HIS B 145 -9.72 12.97 30.35
C HIS B 145 -11.16 13.12 29.73
N ASP B 146 -11.31 13.68 28.49
CA ASP B 146 -12.58 13.81 27.72
C ASP B 146 -12.82 12.84 26.55
N LYS B 147 -11.86 12.00 26.17
CA LYS B 147 -12.06 11.17 24.98
C LYS B 147 -12.47 9.77 25.42
N ALA B 148 -12.79 8.92 24.43
CA ALA B 148 -13.48 7.66 24.73
C ALA B 148 -12.64 6.69 25.56
N LEU B 149 -11.30 6.71 25.41
CA LEU B 149 -10.47 5.77 26.15
C LEU B 149 -10.51 6.07 27.64
N TYR B 150 -10.38 7.34 28.00
CA TYR B 150 -10.40 7.71 29.41
C TYR B 150 -11.77 7.42 30.03
N LYS B 151 -12.86 7.73 29.30
CA LYS B 151 -14.19 7.42 29.81
C LYS B 151 -14.42 5.92 29.92
N TRP B 152 -13.77 5.14 29.05
CA TRP B 152 -13.92 3.69 29.11
C TRP B 152 -13.28 3.14 30.38
N LEU B 153 -12.10 3.66 30.74
CA LEU B 153 -11.39 3.19 31.93
C LEU B 153 -12.19 3.50 33.19
N THR B 154 -12.85 4.66 33.22
CA THR B 154 -13.42 5.22 34.45
C THR B 154 -14.89 4.81 34.61
N GLY B 155 -15.75 5.29 33.71
CA GLY B 155 -17.19 5.03 33.74
C GLY B 155 -17.62 3.59 33.98
N LYS C 3 5.57 8.88 -38.81
CA LYS C 3 6.02 8.16 -37.63
C LYS C 3 5.08 8.39 -36.44
N ARG C 4 4.72 7.29 -35.77
CA ARG C 4 3.86 7.37 -34.60
C ARG C 4 4.63 7.88 -33.38
N LYS C 5 3.96 8.74 -32.61
CA LYS C 5 4.48 9.15 -31.31
C LYS C 5 4.40 7.96 -30.35
N ILE C 6 5.47 7.75 -29.58
CA ILE C 6 5.61 6.57 -28.74
C ILE C 6 5.11 6.90 -27.34
N ILE C 7 4.22 6.05 -26.80
CA ILE C 7 3.68 6.18 -25.45
C ILE C 7 4.09 4.96 -24.64
N TYR C 8 4.76 5.19 -23.52
CA TYR C 8 5.08 4.13 -22.57
C TYR C 8 3.92 4.02 -21.60
N LEU C 9 3.32 2.83 -21.55
CA LEU C 9 2.15 2.56 -20.70
C LEU C 9 2.66 1.96 -19.39
N ALA C 10 2.77 2.79 -18.38
CA ALA C 10 3.24 2.30 -17.09
C ALA C 10 2.03 1.96 -16.25
N SER C 11 1.98 0.74 -15.72
CA SER C 11 0.87 0.33 -14.89
C SER C 11 1.34 -0.78 -13.95
N PRO C 12 0.56 -1.09 -12.89
CA PRO C 12 0.83 -2.32 -12.13
C PRO C 12 -0.01 -3.50 -12.58
N TYR C 13 -0.59 -3.41 -13.78
CA TYR C 13 -1.59 -4.38 -14.19
C TYR C 13 -0.98 -5.68 -14.69
N GLY C 14 0.29 -5.69 -15.08
CA GLY C 14 0.93 -6.94 -15.45
C GLY C 14 1.26 -7.86 -14.30
N PHE C 15 0.99 -7.44 -13.06
CA PHE C 15 1.32 -8.27 -11.91
C PHE C 15 0.24 -9.31 -11.63
N SER C 16 -1.02 -8.98 -11.92
CA SER C 16 -2.15 -9.88 -11.73
C SER C 16 -2.55 -10.47 -13.07
N GLN C 17 -2.64 -11.81 -13.12
CA GLN C 17 -2.97 -12.49 -14.36
C GLN C 17 -4.29 -12.00 -14.95
N GLN C 18 -5.33 -11.93 -14.12
CA GLN C 18 -6.61 -11.44 -14.60
C GLN C 18 -6.48 -10.01 -15.13
N GLN C 19 -5.80 -9.13 -14.39
CA GLN C 19 -5.68 -7.73 -14.78
C GLN C 19 -4.85 -7.58 -16.06
N LYS C 20 -3.75 -8.33 -16.16
CA LYS C 20 -2.97 -8.35 -17.38
C LYS C 20 -3.87 -8.66 -18.57
N THR C 21 -4.72 -9.68 -18.42
CA THR C 21 -5.46 -10.23 -19.56
C THR C 21 -6.66 -9.36 -19.92
N LEU C 22 -7.29 -8.74 -18.93
CA LEU C 22 -8.55 -8.03 -19.15
C LEU C 22 -8.41 -6.52 -19.14
N LEU C 23 -7.49 -5.95 -18.36
CA LEU C 23 -7.45 -4.51 -18.21
C LEU C 23 -6.49 -3.83 -19.17
N LEU C 24 -5.34 -4.45 -19.43
CA LEU C 24 -4.37 -3.77 -20.29
C LEU C 24 -4.80 -3.74 -21.76
N PRO C 25 -5.29 -4.83 -22.38
CA PRO C 25 -5.57 -4.78 -23.82
C PRO C 25 -6.58 -3.69 -24.19
N PRO C 26 -7.68 -3.52 -23.46
CA PRO C 26 -8.56 -2.40 -23.80
C PRO C 26 -7.86 -1.05 -23.72
N ILE C 27 -6.97 -0.88 -22.74
CA ILE C 27 -6.27 0.40 -22.62
C ILE C 27 -5.27 0.56 -23.77
N VAL C 28 -4.56 -0.51 -24.12
CA VAL C 28 -3.67 -0.46 -25.28
C VAL C 28 -4.46 -0.11 -26.54
N ARG C 29 -5.67 -0.64 -26.69
CA ARG C 29 -6.42 -0.39 -27.92
C ARG C 29 -6.79 1.09 -28.04
N ALA C 30 -7.43 1.64 -27.02
CA ALA C 30 -7.83 3.04 -27.05
C ALA C 30 -6.66 3.98 -27.36
N LEU C 31 -5.43 3.57 -27.03
CA LEU C 31 -4.26 4.37 -27.31
C LEU C 31 -3.78 4.19 -28.75
N GLU C 32 -3.84 2.97 -29.25
N GLU C 32 -3.82 2.96 -29.26
CA GLU C 32 -3.48 2.69 -30.63
CA GLU C 32 -3.47 2.74 -30.66
C GLU C 32 -4.52 3.28 -31.59
C GLU C 32 -4.53 3.33 -31.59
N ALA C 33 -5.77 3.43 -31.13
CA ALA C 33 -6.83 4.05 -31.93
C ALA C 33 -6.60 5.53 -32.14
N LEU C 34 -5.76 6.16 -31.32
CA LEU C 34 -5.32 7.52 -31.59
C LEU C 34 -4.17 7.56 -32.56
N GLY C 35 -3.71 6.40 -33.04
CA GLY C 35 -2.55 6.34 -33.91
C GLY C 35 -1.23 6.23 -33.19
N ILE C 36 -1.26 5.90 -31.88
CA ILE C 36 -0.07 5.86 -31.03
C ILE C 36 0.58 4.49 -31.14
N GLU C 37 1.91 4.47 -31.14
CA GLU C 37 2.67 3.26 -30.89
C GLU C 37 2.82 3.07 -29.38
N VAL C 38 2.32 1.96 -28.86
CA VAL C 38 2.25 1.72 -27.42
C VAL C 38 3.37 0.79 -27.01
N TRP C 39 4.24 1.25 -26.11
CA TRP C 39 5.17 0.38 -25.40
C TRP C 39 4.57 0.01 -24.04
N GLU C 40 4.11 -1.24 -23.93
CA GLU C 40 3.57 -1.81 -22.71
C GLU C 40 4.64 -2.71 -22.11
N PRO C 41 5.27 -2.32 -20.98
CA PRO C 41 6.54 -2.96 -20.60
C PRO C 41 6.42 -4.40 -20.11
N PHE C 42 5.28 -4.84 -19.56
CA PHE C 42 5.21 -6.23 -19.14
C PHE C 42 5.30 -7.16 -20.35
N ALA C 43 4.62 -6.78 -21.44
CA ALA C 43 4.76 -7.52 -22.69
C ALA C 43 6.14 -7.29 -23.30
N ARG C 44 6.52 -6.02 -23.53
CA ARG C 44 7.73 -5.69 -24.29
C ARG C 44 8.97 -6.36 -23.73
N ASN C 45 9.15 -6.32 -22.41
CA ASN C 45 10.39 -6.81 -21.80
C ASN C 45 10.18 -8.09 -21.01
N ASN C 46 9.01 -8.71 -21.16
CA ASN C 46 8.74 -10.08 -20.71
C ASN C 46 8.94 -10.23 -19.20
N GLN C 47 8.22 -9.41 -18.44
CA GLN C 47 8.14 -9.61 -16.99
C GLN C 47 6.77 -10.24 -16.74
N ILE C 48 6.75 -11.58 -16.76
CA ILE C 48 5.49 -12.32 -16.70
C ILE C 48 5.33 -13.08 -15.39
N ASP C 49 6.37 -13.20 -14.60
CA ASP C 49 6.32 -13.90 -13.32
C ASP C 49 7.31 -13.22 -12.37
N PHE C 50 7.27 -13.64 -11.11
CA PHE C 50 8.24 -13.19 -10.11
C PHE C 50 9.65 -13.34 -10.66
N SER C 51 10.31 -12.21 -10.97
CA SER C 51 11.52 -12.23 -11.79
C SER C 51 12.64 -13.01 -11.12
N GLN C 52 13.28 -13.88 -11.90
CA GLN C 52 14.44 -14.60 -11.39
C GLN C 52 15.57 -13.61 -11.08
N ALA C 53 16.39 -13.97 -10.10
CA ALA C 53 17.46 -13.07 -9.65
C ALA C 53 18.36 -12.61 -10.80
N ASP C 54 18.63 -13.47 -11.77
CA ASP C 54 19.57 -13.13 -12.86
C ASP C 54 18.90 -12.39 -14.02
N TRP C 55 17.61 -12.11 -13.94
CA TRP C 55 16.92 -11.32 -14.96
C TRP C 55 16.40 -9.99 -14.43
N ALA C 56 16.42 -9.77 -13.11
CA ALA C 56 15.84 -8.56 -12.54
C ALA C 56 16.56 -7.31 -13.06
N TYR C 57 17.89 -7.32 -13.09
CA TYR C 57 18.62 -6.17 -13.60
C TYR C 57 18.25 -5.90 -15.07
N ARG C 58 18.21 -6.95 -15.90
CA ARG C 58 17.91 -6.73 -17.32
C ARG C 58 16.51 -6.14 -17.50
N VAL C 59 15.53 -6.65 -16.74
CA VAL C 59 14.19 -6.08 -16.78
C VAL C 59 14.23 -4.60 -16.41
N ALA C 60 14.93 -4.27 -15.32
CA ALA C 60 15.01 -2.89 -14.86
C ALA C 60 15.63 -2.00 -15.91
N GLN C 61 16.78 -2.40 -16.46
CA GLN C 61 17.46 -1.56 -17.44
C GLN C 61 16.65 -1.46 -18.72
N ALA C 62 15.86 -2.47 -19.05
CA ALA C 62 15.02 -2.41 -20.25
C ALA C 62 13.88 -1.43 -20.09
N ASP C 63 13.17 -1.49 -18.95
CA ASP C 63 12.09 -0.54 -18.71
C ASP C 63 12.60 0.89 -18.67
N LEU C 64 13.75 1.10 -18.00
CA LEU C 64 14.37 2.41 -17.94
C LEU C 64 14.66 2.94 -19.34
N GLN C 65 15.19 2.08 -20.22
CA GLN C 65 15.56 2.56 -21.54
C GLN C 65 14.33 2.94 -22.35
N ASP C 66 13.22 2.24 -22.14
CA ASP C 66 11.98 2.61 -22.83
C ASP C 66 11.47 3.97 -22.38
N VAL C 67 11.63 4.30 -21.10
CA VAL C 67 11.18 5.60 -20.62
C VAL C 67 12.02 6.71 -21.21
N LYS C 68 13.34 6.47 -21.34
CA LYS C 68 14.20 7.44 -22.03
C LYS C 68 13.76 7.65 -23.47
N ASN C 69 13.39 6.56 -24.16
CA ASN C 69 13.19 6.58 -25.59
C ASN C 69 11.74 6.79 -26.02
N CYS C 70 10.79 6.74 -25.09
CA CYS C 70 9.41 7.05 -25.45
C CYS C 70 9.28 8.54 -25.70
N ASP C 71 8.10 8.95 -26.16
CA ASP C 71 7.79 10.37 -26.28
C ASP C 71 6.95 10.88 -25.12
N GLY C 72 6.10 10.01 -24.56
CA GLY C 72 5.32 10.37 -23.38
C GLY C 72 4.97 9.13 -22.59
N ILE C 73 4.65 9.35 -21.32
CA ILE C 73 4.22 8.29 -20.44
C ILE C 73 2.72 8.40 -20.25
N PHE C 74 2.03 7.27 -20.41
CA PHE C 74 0.66 7.11 -19.93
C PHE C 74 0.76 6.26 -18.67
N ALA C 75 0.46 6.86 -17.53
CA ALA C 75 0.75 6.27 -16.23
C ALA C 75 -0.56 5.90 -15.54
N VAL C 76 -0.75 4.61 -15.32
CA VAL C 76 -1.94 4.16 -14.59
C VAL C 76 -1.65 4.32 -13.11
N VAL C 77 -2.35 5.26 -12.47
CA VAL C 77 -2.08 5.63 -11.09
C VAL C 77 -3.27 5.26 -10.21
N ASN C 78 -3.91 4.13 -10.50
CA ASN C 78 -4.88 3.55 -9.57
C ASN C 78 -4.18 3.02 -8.33
N GLY C 79 -4.96 2.82 -7.28
CA GLY C 79 -4.47 2.21 -6.06
C GLY C 79 -4.26 3.22 -4.96
N THR C 80 -4.09 2.69 -3.76
CA THR C 80 -3.76 3.48 -2.56
C THR C 80 -2.56 2.82 -1.91
N PRO C 81 -1.34 3.30 -2.20
CA PRO C 81 -0.99 4.37 -3.13
C PRO C 81 -0.72 3.89 -4.58
N PRO C 82 -0.47 4.80 -5.54
CA PRO C 82 0.07 4.38 -6.83
C PRO C 82 1.30 3.49 -6.71
N ASP C 83 1.40 2.55 -7.65
CA ASP C 83 2.50 1.59 -7.69
C ASP C 83 3.85 2.27 -7.69
N GLU C 84 4.79 1.75 -6.88
CA GLU C 84 6.07 2.41 -6.71
C GLU C 84 6.91 2.40 -7.99
N GLY C 85 6.89 1.30 -8.73
CA GLY C 85 7.61 1.25 -10.00
C GLY C 85 7.06 2.24 -11.02
N VAL C 86 5.73 2.32 -11.12
CA VAL C 86 5.10 3.35 -11.94
C VAL C 86 5.64 4.73 -11.54
N MET C 87 5.80 4.97 -10.24
CA MET C 87 6.16 6.29 -9.77
C MET C 87 7.62 6.61 -10.07
N VAL C 88 8.53 5.65 -9.87
CA VAL C 88 9.90 5.79 -10.38
C VAL C 88 9.88 6.13 -11.88
N GLU C 89 9.09 5.37 -12.66
CA GLU C 89 9.06 5.59 -14.10
C GLU C 89 8.48 6.96 -14.43
N LEU C 90 7.46 7.39 -13.69
CA LEU C 90 6.89 8.74 -13.87
C LEU C 90 7.89 9.84 -13.53
N GLY C 91 8.70 9.64 -12.50
CA GLY C 91 9.66 10.67 -12.11
C GLY C 91 10.73 10.83 -13.16
N MET C 92 11.27 9.71 -13.65
CA MET C 92 12.11 9.70 -14.84
C MET C 92 11.50 10.55 -15.94
N ALA C 93 10.23 10.27 -16.28
CA ALA C 93 9.55 10.99 -17.35
C ALA C 93 9.58 12.48 -17.13
N ILE C 94 9.18 12.93 -15.94
CA ILE C 94 9.21 14.35 -15.62
C ILE C 94 10.62 14.92 -15.74
N ALA C 95 11.63 14.24 -15.17
CA ALA C 95 12.99 14.75 -15.23
C ALA C 95 13.49 14.90 -16.66
N LEU C 96 13.04 14.01 -17.55
CA LEU C 96 13.46 13.98 -18.95
C LEU C 96 12.55 14.79 -19.86
N ASN C 97 11.59 15.51 -19.29
CA ASN C 97 10.68 16.42 -20.01
C ASN C 97 9.76 15.71 -20.98
N LYS C 98 9.53 14.41 -20.77
CA LYS C 98 8.60 13.68 -21.60
C LYS C 98 7.20 14.25 -21.40
N ALA C 99 6.33 14.00 -22.37
CA ALA C 99 4.92 14.29 -22.17
C ALA C 99 4.37 13.39 -21.07
N ILE C 100 3.42 13.91 -20.30
CA ILE C 100 2.89 13.21 -19.12
C ILE C 100 1.38 13.07 -19.23
N PHE C 101 0.90 11.84 -19.15
CA PHE C 101 -0.53 11.58 -19.10
C PHE C 101 -0.83 10.65 -17.93
N LEU C 102 -1.78 11.06 -17.07
CA LEU C 102 -2.13 10.30 -15.87
C LEU C 102 -3.51 9.66 -16.08
N PHE C 103 -3.68 8.43 -15.55
CA PHE C 103 -4.94 7.70 -15.66
C PHE C 103 -5.32 7.08 -14.32
N ARG C 104 -6.53 7.40 -13.84
CA ARG C 104 -7.03 6.92 -12.55
C ARG C 104 -8.55 6.84 -12.58
N ASP C 105 -9.10 5.63 -12.68
CA ASP C 105 -10.54 5.42 -12.55
C ASP C 105 -10.94 4.90 -11.18
N ASP C 106 -10.03 4.99 -10.21
CA ASP C 106 -10.26 4.62 -8.81
C ASP C 106 -10.92 5.80 -8.12
N PHE C 107 -12.08 5.58 -7.49
CA PHE C 107 -12.80 6.71 -6.94
C PHE C 107 -12.39 7.04 -5.51
N ARG C 108 -11.48 6.27 -4.93
CA ARG C 108 -10.98 6.58 -3.60
C ARG C 108 -10.06 7.80 -3.67
N ARG C 109 -10.05 8.57 -2.58
CA ARG C 109 -9.33 9.84 -2.53
C ARG C 109 -8.19 9.70 -1.53
N CYS C 110 -6.95 9.65 -2.03
CA CYS C 110 -5.70 9.53 -1.25
C CYS C 110 -4.69 10.62 -1.63
N SER C 111 -4.67 11.72 -0.87
CA SER C 111 -3.85 12.87 -1.21
C SER C 111 -3.20 13.45 0.04
N ASP C 112 -2.10 14.20 -0.16
CA ASP C 112 -1.49 15.05 0.85
C ASP C 112 -1.87 16.52 0.69
N ASN C 113 -2.82 16.84 -0.20
CA ASN C 113 -3.16 18.22 -0.52
C ASN C 113 -4.56 18.27 -1.11
N GLU C 114 -5.20 19.44 -1.05
CA GLU C 114 -6.59 19.52 -1.48
C GLU C 114 -6.67 19.99 -2.92
N ARG C 115 -5.54 20.34 -3.55
CA ARG C 115 -5.62 20.76 -4.95
C ARG C 115 -5.74 19.55 -5.85
N TYR C 116 -4.89 18.55 -5.62
CA TYR C 116 -4.76 17.38 -6.47
C TYR C 116 -5.38 16.14 -5.83
N PRO C 117 -5.92 15.22 -6.63
CA PRO C 117 -6.47 13.97 -6.06
C PRO C 117 -5.38 12.97 -5.61
N LEU C 118 -4.11 13.24 -5.88
CA LEU C 118 -3.04 12.38 -5.42
C LEU C 118 -1.93 13.25 -4.83
N ASN C 119 -0.89 12.60 -4.33
CA ASN C 119 0.33 13.27 -3.89
C ASN C 119 0.76 14.33 -4.91
N LEU C 120 0.95 15.56 -4.43
CA LEU C 120 1.18 16.69 -5.31
C LEU C 120 2.38 16.48 -6.21
N MET C 121 3.30 15.59 -5.84
CA MET C 121 4.52 15.51 -6.60
C MET C 121 4.29 14.85 -7.95
N LEU C 122 3.21 14.07 -8.11
CA LEU C 122 2.84 13.38 -9.35
C LEU C 122 2.45 14.34 -10.46
N PHE C 123 2.04 15.55 -10.13
CA PHE C 123 1.63 16.55 -11.09
C PHE C 123 2.74 17.57 -11.38
N ALA C 124 3.91 17.39 -10.77
CA ALA C 124 4.98 18.37 -10.88
C ALA C 124 5.34 18.64 -12.33
N GLY C 125 5.18 17.64 -13.19
CA GLY C 125 5.44 17.75 -14.62
C GLY C 125 4.29 18.26 -15.46
N LEU C 126 3.21 18.73 -14.86
CA LEU C 126 2.02 19.19 -15.56
C LEU C 126 1.79 20.66 -15.28
N PRO C 127 1.10 21.39 -16.16
CA PRO C 127 0.83 22.82 -15.88
C PRO C 127 0.09 23.04 -14.57
N GLU C 128 0.31 24.23 -14.01
CA GLU C 128 -0.42 24.64 -12.81
C GLU C 128 -1.92 24.78 -13.08
N ILE C 129 -2.28 25.21 -14.30
CA ILE C 129 -3.67 25.43 -14.71
C ILE C 129 -3.99 24.48 -15.86
N GLY C 130 -5.16 23.85 -15.79
CA GLY C 130 -5.53 22.89 -16.82
C GLY C 130 -4.67 21.64 -16.84
N TRP C 131 -4.19 21.17 -15.68
CA TRP C 131 -3.60 19.85 -15.60
C TRP C 131 -4.67 18.76 -15.68
N GLU C 132 -5.93 19.12 -15.43
CA GLU C 132 -7.00 18.14 -15.53
C GLU C 132 -7.16 17.65 -16.95
N ASN C 133 -6.74 18.43 -17.93
CA ASN C 133 -6.87 17.98 -19.31
C ASN C 133 -5.99 16.79 -19.58
N TYR C 134 -4.98 16.56 -18.75
CA TYR C 134 -4.03 15.46 -18.85
C TYR C 134 -4.39 14.30 -17.92
N TYR C 135 -5.48 14.43 -17.16
CA TYR C 135 -5.89 13.48 -16.12
C TYR C 135 -7.15 12.76 -16.59
N TYR C 136 -6.98 11.52 -17.08
CA TYR C 136 -8.09 10.71 -17.56
C TYR C 136 -8.67 9.87 -16.43
N THR C 137 -10.00 9.89 -16.29
CA THR C 137 -10.69 9.15 -15.24
C THR C 137 -11.48 7.94 -15.74
N SER C 138 -11.39 7.59 -17.03
CA SER C 138 -12.13 6.44 -17.55
C SER C 138 -11.50 6.01 -18.86
N VAL C 139 -11.65 4.73 -19.19
CA VAL C 139 -11.03 4.19 -20.40
C VAL C 139 -11.66 4.81 -21.64
N ASP C 140 -12.99 5.01 -21.62
CA ASP C 140 -13.64 5.64 -22.76
C ASP C 140 -13.22 7.10 -22.96
N GLU C 141 -12.62 7.73 -21.95
CA GLU C 141 -12.16 9.11 -22.05
C GLU C 141 -10.87 9.26 -22.84
N ILE C 142 -10.10 8.18 -23.02
CA ILE C 142 -8.84 8.29 -23.77
C ILE C 142 -9.06 8.80 -25.18
N GLN C 143 -10.18 8.46 -25.80
CA GLN C 143 -10.45 8.91 -27.16
C GLN C 143 -10.83 10.38 -27.25
N SER C 144 -11.11 11.03 -26.12
CA SER C 144 -11.70 12.38 -26.14
C SER C 144 -10.84 13.34 -26.98
N HIS C 145 -11.51 14.00 -27.93
CA HIS C 145 -10.84 14.94 -28.81
C HIS C 145 -10.59 16.30 -28.13
N ASP C 146 -11.18 16.54 -26.95
CA ASP C 146 -10.92 17.74 -26.15
C ASP C 146 -9.92 17.50 -25.01
N LYS C 147 -9.16 16.41 -25.04
CA LYS C 147 -8.24 16.09 -23.96
C LYS C 147 -6.82 16.00 -24.51
N ALA C 148 -5.85 16.18 -23.58
CA ALA C 148 -4.48 16.52 -23.97
C ALA C 148 -3.84 15.50 -24.89
N LEU C 149 -4.24 14.23 -24.81
CA LEU C 149 -3.61 13.21 -25.64
C LEU C 149 -3.91 13.45 -27.11
N TYR C 150 -5.18 13.69 -27.44
CA TYR C 150 -5.54 14.00 -28.82
C TYR C 150 -4.87 15.30 -29.28
N LYS C 151 -4.99 16.37 -28.49
CA LYS C 151 -4.32 17.63 -28.81
C LYS C 151 -2.81 17.46 -28.94
N TRP C 152 -2.21 16.57 -28.15
CA TRP C 152 -0.77 16.34 -28.21
C TRP C 152 -0.38 15.77 -29.56
N LEU C 153 -1.22 14.91 -30.12
CA LEU C 153 -1.03 14.49 -31.50
C LEU C 153 -1.41 15.58 -32.49
N THR C 154 -1.80 16.76 -31.98
CA THR C 154 -2.34 17.90 -32.74
C THR C 154 -3.44 17.44 -33.68
N LYS D 3 31.62 23.29 -1.21
CA LYS D 3 32.47 22.28 -0.58
C LYS D 3 31.60 21.11 -0.09
N ARG D 4 30.60 21.34 0.76
CA ARG D 4 29.80 20.23 1.29
C ARG D 4 28.94 19.63 0.19
N LYS D 5 28.97 18.30 0.07
CA LYS D 5 28.02 17.62 -0.80
C LYS D 5 26.60 17.80 -0.27
N ILE D 6 25.65 17.96 -1.18
CA ILE D 6 24.25 18.26 -0.84
C ILE D 6 23.42 17.00 -1.06
N ILE D 7 22.72 16.55 -0.02
CA ILE D 7 21.84 15.38 -0.08
C ILE D 7 20.40 15.84 0.10
N TYR D 8 19.55 15.49 -0.87
CA TYR D 8 18.10 15.62 -0.71
C TYR D 8 17.56 14.42 0.08
N LEU D 9 16.96 14.64 1.25
CA LEU D 9 16.56 13.53 2.13
C LEU D 9 15.06 13.31 1.91
N ALA D 10 14.74 12.41 0.99
CA ALA D 10 13.35 12.14 0.62
C ALA D 10 12.76 11.10 1.59
N SER D 11 11.56 11.35 2.11
CA SER D 11 10.97 10.42 3.06
C SER D 11 9.48 10.73 3.18
N PRO D 12 8.69 9.81 3.75
CA PRO D 12 7.32 10.14 4.15
C PRO D 12 7.17 10.56 5.59
N TYR D 13 8.29 10.69 6.30
CA TYR D 13 8.25 10.87 7.75
C TYR D 13 7.63 12.20 8.15
N GLY D 14 7.56 13.18 7.25
CA GLY D 14 6.91 14.45 7.55
C GLY D 14 5.39 14.36 7.69
N PHE D 15 4.79 13.27 7.21
CA PHE D 15 3.33 13.18 7.22
C PHE D 15 2.78 12.84 8.60
N SER D 16 3.58 12.28 9.48
CA SER D 16 3.13 11.87 10.80
C SER D 16 3.83 12.75 11.83
N GLN D 17 3.04 13.37 12.71
CA GLN D 17 3.59 14.29 13.70
C GLN D 17 4.69 13.63 14.51
N GLN D 18 4.39 12.46 15.08
CA GLN D 18 5.40 11.72 15.83
C GLN D 18 6.61 11.34 14.97
N GLN D 19 6.40 11.03 13.69
CA GLN D 19 7.51 10.58 12.85
C GLN D 19 8.42 11.76 12.49
N LYS D 20 7.81 12.87 12.07
CA LYS D 20 8.56 14.09 11.78
C LYS D 20 9.48 14.46 12.92
N THR D 21 8.97 14.36 14.15
CA THR D 21 9.61 14.81 15.38
C THR D 21 10.72 13.85 15.83
N LEU D 22 10.50 12.55 15.69
CA LEU D 22 11.39 11.61 16.35
C LEU D 22 12.27 10.83 15.38
N LEU D 23 11.82 10.63 14.14
CA LEU D 23 12.60 9.79 13.23
C LEU D 23 13.59 10.60 12.40
N LEU D 24 13.14 11.73 11.84
CA LEU D 24 13.92 12.51 10.90
C LEU D 24 15.17 13.10 11.54
N PRO D 25 15.10 13.71 12.73
CA PRO D 25 16.30 14.39 13.30
C PRO D 25 17.51 13.47 13.49
N PRO D 26 17.35 12.23 13.97
CA PRO D 26 18.54 11.34 14.01
C PRO D 26 19.10 11.01 12.63
N ILE D 27 18.25 10.92 11.61
CA ILE D 27 18.76 10.65 10.28
C ILE D 27 19.54 11.86 9.78
N VAL D 28 19.00 13.05 9.98
CA VAL D 28 19.70 14.28 9.63
C VAL D 28 21.04 14.37 10.35
N ARG D 29 21.07 14.02 11.66
CA ARG D 29 22.34 14.11 12.39
C ARG D 29 23.38 13.16 11.82
N ALA D 30 22.97 11.92 11.53
CA ALA D 30 23.94 10.97 10.99
C ALA D 30 24.47 11.45 9.65
N LEU D 31 23.59 12.04 8.83
CA LEU D 31 24.05 12.54 7.54
C LEU D 31 25.00 13.71 7.73
N GLU D 32 24.69 14.59 8.69
CA GLU D 32 25.53 15.76 8.90
C GLU D 32 26.87 15.39 9.48
N ALA D 33 26.90 14.36 10.33
CA ALA D 33 28.18 13.92 10.87
C ALA D 33 29.11 13.37 9.78
N LEU D 34 28.60 13.15 8.57
CA LEU D 34 29.45 12.78 7.45
C LEU D 34 29.97 13.99 6.69
N GLY D 35 29.60 15.20 7.13
CA GLY D 35 29.95 16.43 6.47
C GLY D 35 28.99 16.89 5.38
N ILE D 36 27.81 16.25 5.28
CA ILE D 36 26.89 16.54 4.20
C ILE D 36 26.08 17.79 4.55
N GLU D 37 25.68 18.54 3.51
CA GLU D 37 24.63 19.55 3.62
C GLU D 37 23.28 18.90 3.29
N VAL D 38 22.35 18.92 4.24
CA VAL D 38 21.11 18.17 4.14
C VAL D 38 19.96 19.09 3.73
N TRP D 39 19.29 18.76 2.61
CA TRP D 39 18.06 19.46 2.22
C TRP D 39 16.89 18.54 2.55
N GLU D 40 16.20 18.83 3.65
CA GLU D 40 15.09 17.99 4.09
C GLU D 40 13.81 18.70 3.72
N PRO D 41 13.00 18.13 2.81
CA PRO D 41 11.90 18.91 2.21
C PRO D 41 10.83 19.40 3.16
N PHE D 42 10.44 18.64 4.19
CA PHE D 42 9.40 19.14 5.09
C PHE D 42 9.89 20.33 5.90
N ALA D 43 11.12 20.25 6.40
CA ALA D 43 11.76 21.41 7.02
C ALA D 43 11.82 22.60 6.06
N ARG D 44 12.40 22.39 4.86
CA ARG D 44 12.61 23.49 3.93
C ARG D 44 11.30 24.09 3.40
N ASN D 45 10.22 23.32 3.41
CA ASN D 45 8.94 23.91 3.00
C ASN D 45 8.45 24.91 4.05
N ASN D 46 8.14 24.43 5.26
CA ASN D 46 7.74 25.31 6.38
C ASN D 46 8.26 24.76 7.71
N TRP D 55 -0.85 26.86 -3.36
CA TRP D 55 0.27 26.35 -2.56
C TRP D 55 0.84 25.01 -3.05
N ALA D 56 -0.04 24.03 -3.24
CA ALA D 56 0.38 22.70 -3.67
C ALA D 56 1.36 22.77 -4.83
N TYR D 57 1.02 23.54 -5.86
CA TYR D 57 1.90 23.67 -7.01
C TYR D 57 3.26 24.25 -6.63
N ARG D 58 3.28 25.22 -5.70
CA ARG D 58 4.56 25.84 -5.36
C ARG D 58 5.43 24.86 -4.58
N VAL D 59 4.83 24.09 -3.66
CA VAL D 59 5.58 23.07 -2.95
C VAL D 59 6.17 22.05 -3.92
N ALA D 60 5.40 21.68 -4.96
CA ALA D 60 5.89 20.70 -5.91
C ALA D 60 7.08 21.24 -6.70
N GLN D 61 6.97 22.46 -7.21
CA GLN D 61 8.10 23.04 -7.94
C GLN D 61 9.27 23.31 -7.01
N ALA D 62 9.00 23.71 -5.76
CA ALA D 62 10.10 23.90 -4.81
C ALA D 62 10.87 22.60 -4.62
N ASP D 63 10.15 21.51 -4.39
CA ASP D 63 10.78 20.22 -4.18
C ASP D 63 11.47 19.73 -5.44
N LEU D 64 10.84 20.00 -6.60
CA LEU D 64 11.47 19.69 -7.88
C LEU D 64 12.78 20.44 -8.06
N GLN D 65 12.82 21.72 -7.69
CA GLN D 65 14.07 22.45 -7.85
C GLN D 65 15.15 21.87 -6.94
N ASP D 66 14.77 21.47 -5.72
CA ASP D 66 15.78 20.90 -4.82
C ASP D 66 16.32 19.60 -5.39
N VAL D 67 15.45 18.74 -5.92
CA VAL D 67 15.93 17.48 -6.47
C VAL D 67 16.87 17.75 -7.64
N LYS D 68 16.50 18.71 -8.52
CA LYS D 68 17.36 19.06 -9.65
C LYS D 68 18.74 19.51 -9.21
N ASN D 69 18.83 20.12 -8.03
CA ASN D 69 20.06 20.79 -7.61
C ASN D 69 20.82 20.05 -6.51
N CYS D 70 20.31 18.91 -6.03
CA CYS D 70 21.11 18.14 -5.08
C CYS D 70 22.29 17.49 -5.79
N ASP D 71 23.25 17.01 -5.01
CA ASP D 71 24.25 16.11 -5.56
C ASP D 71 23.85 14.65 -5.46
N GLY D 72 23.08 14.27 -4.44
CA GLY D 72 22.60 12.91 -4.31
C GLY D 72 21.27 12.95 -3.60
N ILE D 73 20.51 11.87 -3.75
CA ILE D 73 19.28 11.66 -2.99
C ILE D 73 19.57 10.54 -2.00
N PHE D 74 19.03 10.69 -0.81
CA PHE D 74 19.05 9.65 0.23
C PHE D 74 17.56 9.38 0.50
N ALA D 75 17.03 8.30 -0.07
CA ALA D 75 15.59 8.05 -0.09
C ALA D 75 15.23 7.04 0.99
N VAL D 76 14.44 7.49 1.97
CA VAL D 76 13.86 6.58 2.95
C VAL D 76 12.78 5.78 2.23
N VAL D 77 13.02 4.47 2.02
CA VAL D 77 12.08 3.65 1.26
C VAL D 77 11.48 2.56 2.15
N ASN D 78 11.17 2.91 3.40
CA ASN D 78 10.35 2.09 4.29
C ASN D 78 8.90 2.06 3.82
N GLY D 79 8.18 1.03 4.26
CA GLY D 79 6.75 0.94 4.01
C GLY D 79 6.41 -0.11 2.95
N THR D 80 5.14 -0.51 2.94
CA THR D 80 4.60 -1.41 1.93
C THR D 80 3.41 -0.71 1.28
N PRO D 81 3.60 -0.07 0.12
CA PRO D 81 4.85 0.11 -0.61
C PRO D 81 5.57 1.41 -0.20
N PRO D 82 6.80 1.63 -0.71
CA PRO D 82 7.45 2.93 -0.52
C PRO D 82 6.57 4.09 -0.97
N ASP D 83 6.75 5.23 -0.30
CA ASP D 83 5.91 6.40 -0.51
C ASP D 83 6.01 6.89 -1.96
N GLU D 84 4.86 7.27 -2.53
CA GLU D 84 4.82 7.53 -3.96
C GLU D 84 5.56 8.81 -4.31
N GLY D 85 5.56 9.80 -3.41
CA GLY D 85 6.30 11.02 -3.68
C GLY D 85 7.79 10.81 -3.60
N VAL D 86 8.25 10.02 -2.63
CA VAL D 86 9.64 9.63 -2.57
C VAL D 86 10.02 8.92 -3.87
N MET D 87 9.14 8.03 -4.32
CA MET D 87 9.39 7.25 -5.53
C MET D 87 9.55 8.16 -6.74
N VAL D 88 8.67 9.17 -6.87
CA VAL D 88 8.83 10.12 -7.96
C VAL D 88 10.15 10.87 -7.84
N GLU D 89 10.43 11.42 -6.63
CA GLU D 89 11.68 12.15 -6.45
C GLU D 89 12.87 11.22 -6.71
N LEU D 90 12.71 9.91 -6.44
CA LEU D 90 13.80 8.98 -6.74
C LEU D 90 13.96 8.77 -8.24
N GLY D 91 12.84 8.70 -8.97
CA GLY D 91 12.96 8.52 -10.41
C GLY D 91 13.56 9.75 -11.09
N MET D 92 13.19 10.94 -10.62
CA MET D 92 13.85 12.16 -11.04
C MET D 92 15.35 12.05 -10.89
N ALA D 93 15.80 11.60 -9.71
CA ALA D 93 17.21 11.56 -9.38
C ALA D 93 17.99 10.59 -10.26
N ILE D 94 17.35 9.48 -10.64
CA ILE D 94 18.00 8.50 -11.52
C ILE D 94 18.20 9.08 -12.91
N ALA D 95 17.15 9.70 -13.46
CA ALA D 95 17.22 10.26 -14.80
C ALA D 95 18.21 11.42 -14.89
N LEU D 96 18.39 12.17 -13.81
CA LEU D 96 19.31 13.30 -13.78
C LEU D 96 20.70 12.91 -13.33
N ASN D 97 20.97 11.60 -13.22
CA ASN D 97 22.31 11.11 -12.87
C ASN D 97 22.79 11.62 -11.52
N LYS D 98 21.88 11.83 -10.57
CA LYS D 98 22.31 12.11 -9.21
C LYS D 98 22.87 10.85 -8.56
N ALA D 99 23.67 11.04 -7.50
CA ALA D 99 23.99 9.91 -6.65
C ALA D 99 22.72 9.40 -5.96
N ILE D 100 22.65 8.09 -5.76
CA ILE D 100 21.47 7.42 -5.22
C ILE D 100 21.89 6.60 -4.01
N PHE D 101 21.23 6.83 -2.90
CA PHE D 101 21.40 5.99 -1.72
C PHE D 101 20.01 5.66 -1.15
N LEU D 102 19.82 4.41 -0.75
CA LEU D 102 18.52 3.95 -0.29
C LEU D 102 18.62 3.55 1.17
N PHE D 103 17.56 3.90 1.94
CA PHE D 103 17.46 3.55 3.35
C PHE D 103 16.16 2.79 3.61
N ARG D 104 16.27 1.60 4.21
CA ARG D 104 15.10 0.81 4.58
C ARG D 104 15.48 -0.04 5.76
N ASP D 105 14.92 0.26 6.95
CA ASP D 105 15.13 -0.57 8.14
C ASP D 105 13.86 -1.33 8.49
N ASP D 106 12.97 -1.43 7.52
CA ASP D 106 11.73 -2.20 7.54
C ASP D 106 12.03 -3.62 7.12
N PHE D 107 11.76 -4.60 7.98
CA PHE D 107 12.19 -5.94 7.61
C PHE D 107 11.19 -6.66 6.70
N ARG D 108 10.08 -6.03 6.35
CA ARG D 108 9.16 -6.66 5.42
C ARG D 108 9.77 -6.62 4.03
N ARG D 109 9.37 -7.57 3.17
CA ARG D 109 9.79 -7.59 1.78
C ARG D 109 8.56 -7.38 0.92
N CYS D 110 8.64 -6.42 0.01
CA CYS D 110 7.51 -6.05 -0.84
C CYS D 110 8.13 -5.90 -2.22
N SER D 111 8.18 -7.00 -2.97
CA SER D 111 9.07 -7.14 -4.10
C SER D 111 8.39 -7.91 -5.24
N ASP D 112 8.88 -7.68 -6.46
CA ASP D 112 8.44 -8.41 -7.65
C ASP D 112 9.51 -9.35 -8.19
N ASN D 113 10.53 -9.68 -7.39
CA ASN D 113 11.69 -10.40 -7.90
C ASN D 113 12.48 -10.97 -6.72
N GLU D 114 13.34 -11.95 -7.03
CA GLU D 114 14.15 -12.56 -5.97
C GLU D 114 15.43 -11.79 -5.67
N ARG D 115 15.97 -11.04 -6.63
CA ARG D 115 17.22 -10.33 -6.39
C ARG D 115 17.07 -9.29 -5.29
N TYR D 116 16.01 -8.46 -5.37
CA TYR D 116 15.90 -7.25 -4.56
C TYR D 116 14.78 -7.36 -3.53
N PRO D 117 14.92 -6.68 -2.38
CA PRO D 117 13.85 -6.70 -1.39
C PRO D 117 12.68 -5.78 -1.71
N LEU D 118 12.77 -5.00 -2.79
CA LEU D 118 11.72 -4.08 -3.18
C LEU D 118 11.55 -4.18 -4.69
N ASN D 119 10.48 -3.56 -5.21
CA ASN D 119 10.27 -3.44 -6.65
C ASN D 119 11.57 -3.09 -7.38
N LEU D 120 11.88 -3.83 -8.44
CA LEU D 120 13.23 -3.77 -8.98
C LEU D 120 13.55 -2.41 -9.61
N MET D 121 12.54 -1.58 -9.90
CA MET D 121 12.81 -0.27 -10.48
C MET D 121 13.52 0.66 -9.51
N LEU D 122 13.33 0.45 -8.19
CA LEU D 122 14.00 1.28 -7.21
C LEU D 122 15.51 1.19 -7.32
N PHE D 123 16.03 0.13 -7.94
CA PHE D 123 17.46 -0.13 -8.04
C PHE D 123 17.99 0.03 -9.45
N ALA D 124 17.19 0.59 -10.37
CA ALA D 124 17.62 0.72 -11.75
C ALA D 124 18.75 1.73 -11.91
N GLY D 125 18.85 2.69 -11.00
CA GLY D 125 19.94 3.65 -11.01
C GLY D 125 21.16 3.19 -10.26
N LEU D 126 21.18 1.96 -9.78
CA LEU D 126 22.24 1.41 -8.98
C LEU D 126 22.99 0.35 -9.76
N PRO D 127 24.23 0.04 -9.42
CA PRO D 127 24.97 -0.98 -10.16
C PRO D 127 24.36 -2.38 -10.01
N GLU D 128 24.55 -3.20 -11.06
CA GLU D 128 24.22 -4.63 -11.03
C GLU D 128 24.78 -5.33 -9.81
N ILE D 129 26.08 -5.17 -9.60
CA ILE D 129 26.82 -5.79 -8.52
C ILE D 129 27.15 -4.72 -7.51
N GLY D 130 27.00 -5.05 -6.23
CA GLY D 130 27.33 -4.09 -5.18
C GLY D 130 26.29 -3.01 -4.95
N TRP D 131 25.07 -3.20 -5.44
CA TRP D 131 23.99 -2.26 -5.10
C TRP D 131 23.75 -2.22 -3.59
N GLU D 132 24.05 -3.32 -2.87
CA GLU D 132 23.86 -3.33 -1.42
C GLU D 132 24.76 -2.33 -0.70
N ASN D 133 25.89 -1.96 -1.31
CA ASN D 133 26.75 -0.94 -0.73
C ASN D 133 26.05 0.40 -0.66
N TYR D 134 25.08 0.62 -1.52
CA TYR D 134 24.24 1.81 -1.48
C TYR D 134 22.96 1.63 -0.66
N TYR D 135 22.71 0.45 -0.09
CA TYR D 135 21.43 0.12 0.57
C TYR D 135 21.65 0.08 2.08
N TYR D 136 21.13 1.09 2.79
CA TYR D 136 21.30 1.16 4.23
C TYR D 136 20.08 0.56 4.92
N THR D 137 20.32 -0.29 5.93
CA THR D 137 19.25 -0.95 6.68
C THR D 137 19.18 -0.52 8.14
N SER D 138 19.99 0.45 8.57
CA SER D 138 19.82 1.00 9.91
C SER D 138 20.51 2.36 10.01
N VAL D 139 19.97 3.23 10.89
CA VAL D 139 20.61 4.53 11.11
C VAL D 139 22.07 4.34 11.51
N ASP D 140 22.36 3.30 12.31
CA ASP D 140 23.73 3.00 12.74
C ASP D 140 24.67 2.82 11.58
N GLU D 141 24.15 2.41 10.42
CA GLU D 141 24.98 2.03 9.30
C GLU D 141 25.43 3.22 8.49
N ILE D 142 24.72 4.35 8.60
CA ILE D 142 24.98 5.51 7.75
C ILE D 142 26.45 5.96 7.86
N GLN D 143 27.00 5.95 9.06
CA GLN D 143 28.37 6.43 9.25
C GLN D 143 29.43 5.48 8.66
N SER D 144 29.04 4.32 8.14
CA SER D 144 30.02 3.29 7.80
C SER D 144 30.93 3.74 6.68
N HIS D 145 32.24 3.68 6.93
CA HIS D 145 33.22 3.99 5.88
C HIS D 145 33.27 2.92 4.80
N ASP D 146 32.65 1.77 5.01
CA ASP D 146 32.67 0.71 4.01
C ASP D 146 31.50 0.79 3.05
N LYS D 147 30.62 1.78 3.21
CA LYS D 147 29.42 1.87 2.40
C LYS D 147 29.48 3.11 1.51
N ALA D 148 28.59 3.13 0.52
CA ALA D 148 28.79 3.97 -0.64
C ALA D 148 28.71 5.46 -0.31
N LEU D 149 27.99 5.83 0.74
CA LEU D 149 27.84 7.25 1.06
C LEU D 149 29.18 7.86 1.44
N TYR D 150 29.84 7.27 2.44
CA TYR D 150 31.16 7.73 2.85
C TYR D 150 32.13 7.77 1.67
N LYS D 151 32.21 6.66 0.92
CA LYS D 151 33.10 6.58 -0.24
C LYS D 151 32.82 7.69 -1.23
N TRP D 152 31.54 7.94 -1.52
CA TRP D 152 31.18 8.95 -2.50
C TRP D 152 31.57 10.35 -2.01
N LEU D 153 31.61 10.59 -0.68
CA LEU D 153 32.05 11.89 -0.18
C LEU D 153 33.56 12.06 -0.25
N THR D 154 34.31 10.96 -0.14
CA THR D 154 35.77 11.01 -0.14
C THR D 154 36.37 10.72 -1.52
N GLY D 155 35.57 10.72 -2.58
CA GLY D 155 36.05 10.55 -3.94
C GLY D 155 36.12 9.13 -4.44
N MET D 156 35.77 8.13 -3.61
CA MET D 156 35.91 6.70 -3.95
C MET D 156 34.58 5.98 -4.28
C5 A1H0F E . -15.66 -3.13 0.68
C4 A1H0F E . -17.19 -3.00 1.19
C3 A1H0F E . -17.20 -2.83 2.58
C2 A1H0F E . -15.14 -2.49 1.88
C1 A1H0F E . -14.07 -1.59 1.33
O4 A1H0F E . -15.12 -4.50 0.58
O2 A1H0F E . -16.32 -1.81 2.46
O1 A1H0F E . -13.03 -2.46 0.81
F1 A1H0F E . -17.77 -1.91 0.96
F2 A1H0F E . -17.95 -4.02 0.82
C5 A1H0F F . 1.78 -8.36 14.11
C4 A1H0F F . 0.52 -9.05 13.99
C3 A1H0F F . -0.52 -8.71 15.03
C2 A1H0F F . 1.24 -7.14 14.95
C1 A1H0F F . 0.72 -6.08 14.00
O4 A1H0F F . 2.40 -9.33 14.85
O2 A1H0F F . 0.14 -7.67 15.71
O1 A1H0F F . 1.34 -6.41 12.71
F1 A1H0F F . -0.07 -8.84 12.86
F2 A1H0F F . 1.18 -10.18 14.14
C5 A1H0F G . 6.96 -2.71 -14.07
C4 A1H0F G . 8.14 -1.92 -14.42
C3 A1H0F G . 7.69 -0.55 -15.12
C2 A1H0F G . 5.80 -1.70 -14.16
C1 A1H0F G . 5.12 -1.43 -12.75
O4 A1H0F G . 7.09 -3.52 -15.24
O2 A1H0F G . 6.26 -0.50 -14.76
O1 A1H0F G . 5.95 -1.60 -11.65
F1 A1H0F G . 8.84 -1.68 -13.41
F2 A1H0F G . 8.76 -2.93 -15.07
C5 A1H0F H . 8.13 14.51 -0.12
C4 A1H0F H . 8.00 15.97 -0.87
C3 A1H0F H . 8.49 15.64 -2.31
C2 A1H0F H . 7.50 13.75 -1.25
C1 A1H0F H . 6.11 13.49 -0.73
O4 A1H0F H . 9.44 13.91 -0.01
O2 A1H0F H . 7.54 14.58 -2.44
O1 A1H0F H . 6.27 12.29 -0.05
F1 A1H0F H . 6.72 16.54 -0.75
F2 A1H0F H . 8.77 16.91 -0.35
#